data_4N36
#
_entry.id   4N36
#
_cell.length_a   79.550
_cell.length_b   79.550
_cell.length_c   89.880
_cell.angle_alpha   90.00
_cell.angle_beta   90.00
_cell.angle_gamma   90.00
#
_symmetry.space_group_name_H-M   'P 42'
#
loop_
_entity.id
_entity.type
_entity.pdbx_description
1 polymer 'C-type lectin domain family 4 member K'
2 non-polymer 'methyl 2-acetamido-2-deoxy-alpha-D-glucopyranoside'
3 non-polymer 'CALCIUM ION'
4 non-polymer 'MAGNESIUM ION'
5 water water
#
_entity_poly.entity_id   1
_entity_poly.type   'polypeptide(L)'
_entity_poly.pdbx_seq_one_letter_code
;QVVSQGWKYFKGNFYYFSLIPKTWYSAEQFCVSRNSHLTSVTSESEQEFLYKTAGGLIYWIGLTKAGMEGDWSWVDDTPF
NKVQSARFWIPGEPNDAGNNEHCGNIKAPSLQAWNDAPCDITFLFICKRPYVPSEP
;
_entity_poly.pdbx_strand_id   A,B,C,D
#
loop_
_chem_comp.id
_chem_comp.type
_chem_comp.name
_chem_comp.formula
2F8 D-saccharide 'methyl 2-acetamido-2-deoxy-alpha-D-glucopyranoside' 'C9 H17 N O6'
CA non-polymer 'CALCIUM ION' 'Ca 2'
MG non-polymer 'MAGNESIUM ION' 'Mg 2'
#
# COMPACT_ATOMS: atom_id res chain seq x y z
N GLY A 6 -14.18 -3.63 -24.59
CA GLY A 6 -13.63 -4.89 -25.07
C GLY A 6 -12.83 -5.63 -24.02
N TRP A 7 -13.33 -5.69 -22.79
CA TRP A 7 -12.66 -6.45 -21.74
C TRP A 7 -12.93 -7.95 -21.90
N LYS A 8 -11.88 -8.74 -21.76
CA LYS A 8 -11.99 -10.19 -21.89
C LYS A 8 -12.04 -10.83 -20.53
N TYR A 9 -12.89 -11.84 -20.38
CA TYR A 9 -13.09 -12.46 -19.06
C TYR A 9 -12.31 -13.75 -18.88
N PHE A 10 -11.59 -13.84 -17.77
CA PHE A 10 -10.86 -15.05 -17.45
C PHE A 10 -10.71 -15.24 -15.94
N LYS A 11 -11.29 -16.33 -15.44
CA LYS A 11 -11.14 -16.75 -14.04
C LYS A 11 -11.27 -15.63 -13.01
N GLY A 12 -12.41 -14.93 -13.04
CA GLY A 12 -12.71 -13.95 -12.00
C GLY A 12 -12.15 -12.58 -12.24
N ASN A 13 -11.45 -12.39 -13.36
CA ASN A 13 -10.90 -11.10 -13.73
C ASN A 13 -11.25 -10.71 -15.16
N PHE A 14 -11.38 -9.41 -15.38
CA PHE A 14 -11.50 -8.86 -16.73
C PHE A 14 -10.17 -8.25 -17.16
N TYR A 15 -9.84 -8.37 -18.44
CA TYR A 15 -8.56 -7.94 -18.98
C TYR A 15 -8.77 -7.03 -20.18
N TYR A 16 -8.00 -5.96 -20.24
CA TYR A 16 -8.05 -5.05 -21.37
C TYR A 16 -6.73 -5.08 -22.12
N PHE A 17 -6.77 -5.52 -23.36
CA PHE A 17 -5.62 -5.53 -24.24
C PHE A 17 -5.65 -4.26 -25.09
N SER A 18 -4.70 -3.35 -24.86
CA SER A 18 -4.82 -2.03 -25.46
C SER A 18 -4.60 -2.05 -26.97
N LEU A 19 -5.12 -1.01 -27.62
CA LEU A 19 -4.97 -0.82 -29.04
C LEU A 19 -3.93 0.28 -29.30
N ILE A 20 -3.61 1.04 -28.26
CA ILE A 20 -2.68 2.15 -28.33
C ILE A 20 -1.47 1.88 -27.43
N PRO A 21 -0.25 2.15 -27.93
CA PRO A 21 0.92 1.93 -27.08
C PRO A 21 1.19 3.10 -26.14
N LYS A 22 1.74 2.81 -24.96
CA LYS A 22 2.09 3.84 -23.98
C LYS A 22 3.35 3.41 -23.23
N THR A 23 4.02 4.38 -22.59
CA THR A 23 5.10 4.05 -21.65
C THR A 23 4.50 3.24 -20.53
N TRP A 24 5.33 2.51 -19.77
CA TRP A 24 4.83 1.66 -18.69
C TRP A 24 3.92 2.45 -17.75
N TYR A 25 4.38 3.63 -17.31
CA TYR A 25 3.61 4.38 -16.33
C TYR A 25 2.35 5.01 -16.90
N SER A 26 2.40 5.51 -18.13
CA SER A 26 1.20 6.08 -18.71
C SER A 26 0.15 5.00 -18.90
N ALA A 27 0.62 3.80 -19.23
CA ALA A 27 -0.23 2.62 -19.30
C ALA A 27 -0.91 2.38 -17.96
N GLU A 28 -0.11 2.30 -16.90
CA GLU A 28 -0.64 2.06 -15.55
C GLU A 28 -1.67 3.12 -15.16
N GLN A 29 -1.37 4.37 -15.49
CA GLN A 29 -2.30 5.45 -15.20
C GLN A 29 -3.62 5.27 -15.94
N PHE A 30 -3.54 4.81 -17.18
CA PHE A 30 -4.75 4.51 -17.93
C PHE A 30 -5.52 3.41 -17.21
N CYS A 31 -4.83 2.34 -16.83
CA CYS A 31 -5.48 1.24 -16.12
C CYS A 31 -6.19 1.74 -14.85
N VAL A 32 -5.46 2.52 -14.05
CA VAL A 32 -5.98 3.05 -12.81
C VAL A 32 -7.21 3.92 -13.06
N SER A 33 -7.20 4.65 -14.18
CA SER A 33 -8.35 5.48 -14.57
C SER A 33 -9.57 4.62 -14.90
N ARG A 34 -9.35 3.36 -15.27
CA ARG A 34 -10.45 2.43 -15.50
C ARG A 34 -10.60 1.43 -14.36
N ASN A 35 -10.25 1.84 -13.15
CA ASN A 35 -10.43 1.01 -11.97
C ASN A 35 -9.69 -0.33 -12.04
N SER A 36 -8.49 -0.31 -12.63
CA SER A 36 -7.72 -1.52 -12.80
C SER A 36 -6.23 -1.24 -12.58
N HIS A 37 -5.41 -2.23 -12.90
CA HIS A 37 -3.96 -2.10 -12.84
C HIS A 37 -3.40 -2.90 -13.99
N LEU A 38 -2.19 -2.54 -14.43
CA LEU A 38 -1.44 -3.44 -15.30
C LEU A 38 -1.42 -4.83 -14.66
N THR A 39 -1.60 -5.86 -15.48
CA THR A 39 -1.89 -7.19 -14.96
C THR A 39 -0.75 -7.85 -14.20
N SER A 40 -1.11 -8.56 -13.12
CA SER A 40 -0.21 -9.48 -12.47
C SER A 40 -0.36 -10.84 -13.16
N VAL A 41 0.57 -11.75 -12.88
CA VAL A 41 0.49 -13.11 -13.42
C VAL A 41 0.82 -14.08 -12.29
N THR A 42 -0.13 -14.92 -11.92
CA THR A 42 -0.01 -15.71 -10.68
C THR A 42 -0.17 -17.21 -10.90
N SER A 43 -0.37 -17.63 -12.15
CA SER A 43 -0.49 -19.06 -12.45
C SER A 43 -0.04 -19.37 -13.87
N GLU A 44 0.20 -20.64 -14.13
CA GLU A 44 0.50 -21.09 -15.48
C GLU A 44 -0.67 -20.83 -16.42
N SER A 45 -1.88 -21.06 -15.94
CA SER A 45 -3.04 -20.86 -16.80
C SER A 45 -3.29 -19.39 -17.12
N GLU A 46 -2.96 -18.50 -16.19
CA GLU A 46 -3.08 -17.06 -16.47
C GLU A 46 -2.01 -16.60 -17.46
N GLN A 47 -0.78 -17.07 -17.28
CA GLN A 47 0.31 -16.78 -18.23
C GLN A 47 -0.11 -17.22 -19.64
N GLU A 48 -0.63 -18.43 -19.73
CA GLU A 48 -1.04 -18.99 -21.00
C GLU A 48 -2.17 -18.19 -21.65
N PHE A 49 -3.17 -17.83 -20.86
CA PHE A 49 -4.24 -16.97 -21.34
C PHE A 49 -3.69 -15.65 -21.90
N LEU A 50 -2.73 -15.08 -21.18
CA LEU A 50 -2.17 -13.77 -21.55
C LEU A 50 -1.32 -13.84 -22.82
N TYR A 51 -0.39 -14.79 -22.91
CA TYR A 51 0.52 -14.80 -24.06
C TYR A 51 -0.21 -15.24 -25.32
N LYS A 52 -1.18 -16.13 -25.16
CA LYS A 52 -1.97 -16.57 -26.31
C LYS A 52 -2.85 -15.45 -26.82
N THR A 53 -3.50 -14.72 -25.92
CA THR A 53 -4.33 -13.61 -26.35
C THR A 53 -3.47 -12.51 -26.96
N ALA A 54 -2.24 -12.38 -26.46
CA ALA A 54 -1.32 -11.37 -26.98
C ALA A 54 -0.97 -11.59 -28.46
N GLY A 55 -1.07 -12.85 -28.91
CA GLY A 55 -0.89 -13.17 -30.31
C GLY A 55 0.45 -12.76 -30.91
N GLY A 56 1.50 -12.79 -30.10
CA GLY A 56 2.85 -12.51 -30.55
C GLY A 56 3.29 -11.05 -30.53
N LEU A 57 2.42 -10.16 -30.04
CA LEU A 57 2.78 -8.76 -29.87
C LEU A 57 3.21 -8.53 -28.42
N ILE A 58 4.01 -7.48 -28.21
CA ILE A 58 4.55 -7.15 -26.90
C ILE A 58 3.59 -6.26 -26.12
N TYR A 59 3.28 -6.66 -24.88
CA TYR A 59 2.41 -5.90 -23.99
C TYR A 59 3.06 -5.69 -22.64
N TRP A 60 3.09 -4.44 -22.20
CA TRP A 60 3.44 -4.16 -20.82
C TRP A 60 2.50 -4.91 -19.89
N ILE A 61 3.07 -5.50 -18.84
CA ILE A 61 2.28 -6.03 -17.73
C ILE A 61 2.75 -5.37 -16.43
N GLY A 62 2.19 -5.78 -15.30
CA GLY A 62 2.40 -5.10 -14.03
C GLY A 62 3.76 -5.26 -13.37
N LEU A 63 4.73 -5.80 -14.09
CA LEU A 63 6.08 -6.03 -13.55
C LEU A 63 6.89 -4.76 -13.42
N THR A 64 7.40 -4.51 -12.22
CA THR A 64 8.24 -3.34 -12.00
C THR A 64 9.14 -3.55 -10.79
N LYS A 65 10.24 -2.81 -10.73
CA LYS A 65 11.17 -2.98 -9.60
C LYS A 65 10.75 -2.24 -8.33
N ALA A 66 11.10 -2.82 -7.19
CA ALA A 66 10.80 -2.25 -5.87
C ALA A 66 11.94 -2.49 -4.88
N GLY A 67 12.09 -1.58 -3.91
CA GLY A 67 13.15 -1.67 -2.91
C GLY A 67 14.55 -1.41 -3.46
N MET A 68 15.50 -1.30 -2.55
CA MET A 68 16.91 -1.02 -2.89
C MET A 68 17.57 -2.15 -3.67
N GLU A 69 17.10 -3.37 -3.44
CA GLU A 69 17.72 -4.54 -4.04
C GLU A 69 17.33 -4.68 -5.50
N GLY A 70 16.36 -3.88 -5.94
CA GLY A 70 15.83 -4.01 -7.28
C GLY A 70 15.09 -5.33 -7.45
N ASP A 71 14.31 -5.71 -6.46
CA ASP A 71 13.49 -6.90 -6.56
C ASP A 71 12.29 -6.55 -7.44
N TRP A 72 11.83 -7.53 -8.19
CA TRP A 72 10.65 -7.35 -9.01
C TRP A 72 9.42 -7.39 -8.13
N SER A 73 8.38 -6.68 -8.56
CA SER A 73 7.14 -6.59 -7.81
C SER A 73 6.01 -6.42 -8.80
N TRP A 74 4.78 -6.58 -8.32
CA TRP A 74 3.59 -6.34 -9.11
C TRP A 74 2.97 -5.03 -8.67
N VAL A 75 2.62 -4.18 -9.63
CA VAL A 75 2.04 -2.88 -9.31
C VAL A 75 0.66 -3.00 -8.63
N ASP A 76 -0.02 -4.13 -8.84
CA ASP A 76 -1.32 -4.33 -8.16
C ASP A 76 -1.15 -4.84 -6.73
N ASP A 77 0.10 -4.91 -6.27
CA ASP A 77 0.46 -5.32 -4.92
C ASP A 77 0.33 -6.81 -4.61
N THR A 78 0.06 -7.63 -5.62
CA THR A 78 0.25 -9.07 -5.49
C THR A 78 1.71 -9.31 -5.09
N PRO A 79 1.94 -10.02 -3.98
CA PRO A 79 3.31 -10.39 -3.61
C PRO A 79 4.01 -11.11 -4.76
N PHE A 80 5.24 -10.72 -5.04
CA PHE A 80 5.97 -11.34 -6.13
C PHE A 80 6.68 -12.61 -5.64
N ASN A 81 6.36 -13.73 -6.27
CA ASN A 81 6.92 -15.02 -5.88
C ASN A 81 8.08 -15.38 -6.82
N LYS A 82 9.30 -15.11 -6.36
CA LYS A 82 10.49 -15.31 -7.18
C LYS A 82 10.62 -16.76 -7.67
N VAL A 83 10.33 -17.69 -6.77
CA VAL A 83 10.45 -19.11 -7.09
C VAL A 83 9.43 -19.53 -8.14
N GLN A 84 8.17 -19.19 -7.90
CA GLN A 84 7.12 -19.64 -8.80
C GLN A 84 7.10 -18.91 -10.15
N SER A 85 7.76 -17.75 -10.24
CA SER A 85 7.74 -16.96 -11.47
CA SER A 85 7.74 -16.96 -11.47
C SER A 85 8.94 -17.20 -12.38
N ALA A 86 9.93 -17.92 -11.86
CA ALA A 86 11.16 -18.19 -12.61
C ALA A 86 10.90 -18.80 -13.99
N ARG A 87 9.92 -19.68 -14.07
CA ARG A 87 9.61 -20.35 -15.32
C ARG A 87 8.86 -19.44 -16.32
N PHE A 88 8.61 -18.19 -15.93
CA PHE A 88 7.82 -17.28 -16.77
C PHE A 88 8.66 -16.27 -17.57
N TRP A 89 9.94 -16.11 -17.23
CA TRP A 89 10.84 -15.22 -17.94
C TRP A 89 11.42 -15.89 -19.20
N ILE A 90 11.68 -15.10 -20.23
CA ILE A 90 12.51 -15.57 -21.36
C ILE A 90 13.92 -15.89 -20.84
N PRO A 91 14.48 -17.05 -21.27
CA PRO A 91 15.84 -17.43 -20.85
C PRO A 91 16.86 -16.29 -21.00
N GLY A 92 17.51 -15.91 -19.90
CA GLY A 92 18.44 -14.79 -19.92
C GLY A 92 17.86 -13.51 -19.35
N GLU A 93 16.53 -13.47 -19.22
CA GLU A 93 15.86 -12.33 -18.61
C GLU A 93 15.53 -12.66 -17.17
N PRO A 94 15.45 -11.64 -16.30
CA PRO A 94 15.69 -10.22 -16.57
C PRO A 94 17.19 -9.91 -16.66
N ASN A 95 17.60 -9.00 -17.54
CA ASN A 95 19.03 -8.70 -17.69
C ASN A 95 19.45 -7.24 -17.52
N ASP A 96 18.50 -6.36 -17.27
CA ASP A 96 18.77 -4.96 -16.96
C ASP A 96 19.74 -4.32 -17.96
N ALA A 97 19.36 -4.31 -19.24
CA ALA A 97 20.20 -3.77 -20.30
C ALA A 97 20.42 -2.27 -20.13
N GLY A 98 21.69 -1.85 -20.23
CA GLY A 98 22.04 -0.45 -20.07
C GLY A 98 21.73 0.05 -18.67
N ASN A 99 21.61 -0.87 -17.72
CA ASN A 99 21.15 -0.54 -16.37
C ASN A 99 19.91 0.36 -16.40
N ASN A 100 18.95 0.01 -17.25
CA ASN A 100 17.77 0.87 -17.43
C ASN A 100 16.52 0.10 -17.84
N GLU A 101 16.42 -1.15 -17.39
CA GLU A 101 15.23 -1.96 -17.66
C GLU A 101 14.55 -2.33 -16.34
N HIS A 102 13.67 -1.46 -15.88
CA HIS A 102 13.06 -1.61 -14.55
C HIS A 102 11.57 -1.93 -14.63
N CYS A 103 11.10 -2.25 -15.82
CA CYS A 103 9.71 -2.69 -16.03
C CYS A 103 9.67 -3.91 -16.91
N GLY A 104 8.57 -4.66 -16.85
CA GLY A 104 8.48 -5.91 -17.58
C GLY A 104 7.28 -6.01 -18.50
N ASN A 105 7.46 -6.72 -19.60
CA ASN A 105 6.38 -6.98 -20.54
C ASN A 105 6.27 -8.46 -20.95
N ILE A 106 5.12 -8.84 -21.51
CA ILE A 106 4.99 -10.13 -22.18
C ILE A 106 5.54 -9.97 -23.60
N LYS A 107 6.55 -10.78 -23.94
CA LYS A 107 7.23 -10.64 -25.25
C LYS A 107 7.15 -11.90 -26.13
N ALA A 108 7.61 -13.04 -25.61
CA ALA A 108 7.60 -14.27 -26.40
C ALA A 108 6.32 -15.05 -26.18
N PRO A 109 5.74 -15.57 -27.26
CA PRO A 109 4.51 -16.38 -27.11
C PRO A 109 4.87 -17.79 -26.66
N SER A 110 5.16 -17.91 -25.37
CA SER A 110 5.53 -19.15 -24.72
C SER A 110 5.29 -18.94 -23.23
N LEU A 111 5.25 -20.01 -22.44
CA LEU A 111 5.16 -19.84 -20.99
C LEU A 111 6.34 -19.03 -20.49
N GLN A 112 7.49 -19.19 -21.15
CA GLN A 112 8.64 -18.36 -20.87
C GLN A 112 8.53 -17.09 -21.73
N ALA A 113 7.83 -16.09 -21.21
CA ALA A 113 7.36 -14.98 -22.03
C ALA A 113 7.96 -13.63 -21.69
N TRP A 114 8.35 -13.43 -20.43
CA TRP A 114 8.67 -12.09 -19.97
C TRP A 114 10.04 -11.55 -20.35
N ASN A 115 10.09 -10.24 -20.61
CA ASN A 115 11.31 -9.49 -20.78
C ASN A 115 11.26 -8.21 -19.96
N ASP A 116 12.39 -7.83 -19.38
CA ASP A 116 12.53 -6.51 -18.80
C ASP A 116 13.03 -5.53 -19.87
N ALA A 117 12.39 -4.36 -19.94
CA ALA A 117 12.70 -3.34 -20.95
C ALA A 117 12.67 -1.98 -20.27
N PRO A 118 13.21 -0.94 -20.92
CA PRO A 118 13.12 0.40 -20.30
C PRO A 118 11.69 0.89 -20.16
N CYS A 119 11.38 1.46 -19.00
CA CYS A 119 10.02 1.87 -18.67
C CYS A 119 9.49 2.96 -19.61
N ASP A 120 10.40 3.70 -20.24
CA ASP A 120 10.00 4.83 -21.04
C ASP A 120 9.70 4.50 -22.51
N ILE A 121 9.89 3.24 -22.88
CA ILE A 121 9.53 2.73 -24.21
C ILE A 121 8.02 2.56 -24.30
N THR A 122 7.41 2.87 -25.45
CA THR A 122 5.98 2.63 -25.60
C THR A 122 5.66 1.25 -26.19
N PHE A 123 4.72 0.56 -25.55
CA PHE A 123 4.22 -0.73 -26.03
C PHE A 123 2.74 -0.74 -25.77
N LEU A 124 2.03 -1.66 -26.43
CA LEU A 124 0.68 -1.99 -26.01
C LEU A 124 0.73 -2.49 -24.56
N PHE A 125 -0.43 -2.56 -23.91
CA PHE A 125 -0.45 -2.93 -22.50
C PHE A 125 -1.71 -3.68 -22.11
N ILE A 126 -1.66 -4.35 -20.96
CA ILE A 126 -2.78 -5.16 -20.51
C ILE A 126 -3.21 -4.75 -19.10
N CYS A 127 -4.45 -4.26 -18.96
CA CYS A 127 -5.01 -3.97 -17.64
C CYS A 127 -5.78 -5.19 -17.12
N LYS A 128 -5.89 -5.31 -15.80
CA LYS A 128 -6.58 -6.41 -15.14
C LYS A 128 -7.49 -5.80 -14.08
N ARG A 129 -8.77 -6.18 -14.10
CA ARG A 129 -9.76 -5.61 -13.19
C ARG A 129 -10.55 -6.77 -12.60
N PRO A 130 -10.65 -6.84 -11.26
CA PRO A 130 -11.40 -7.96 -10.67
C PRO A 130 -12.88 -7.84 -10.93
N TYR A 131 -13.58 -8.96 -11.06
CA TYR A 131 -15.02 -8.93 -11.03
C TYR A 131 -15.47 -9.12 -9.59
N VAL A 132 -16.31 -8.23 -9.08
CA VAL A 132 -16.85 -8.42 -7.74
C VAL A 132 -18.38 -8.61 -7.78
N PRO A 133 -18.84 -9.85 -7.61
CA PRO A 133 -20.29 -10.14 -7.65
C PRO A 133 -21.01 -9.46 -6.49
N GLY B 6 -21.45 13.43 12.98
CA GLY B 6 -20.78 14.23 14.00
C GLY B 6 -19.30 14.42 13.74
N TRP B 7 -18.91 14.43 12.47
CA TRP B 7 -17.50 14.66 12.12
C TRP B 7 -17.08 16.11 12.40
N LYS B 8 -15.92 16.27 13.03
CA LYS B 8 -15.34 17.60 13.30
C LYS B 8 -14.30 17.94 12.25
N TYR B 9 -14.19 19.22 11.89
CA TYR B 9 -13.33 19.63 10.79
C TYR B 9 -12.09 20.37 11.26
N PHE B 10 -10.94 20.00 10.72
CA PHE B 10 -9.70 20.70 11.03
C PHE B 10 -8.71 20.56 9.90
N LYS B 11 -8.29 21.71 9.38
CA LYS B 11 -7.26 21.81 8.34
C LYS B 11 -7.37 20.74 7.24
N GLY B 12 -8.53 20.67 6.61
CA GLY B 12 -8.69 19.85 5.42
C GLY B 12 -9.10 18.41 5.67
N ASN B 13 -9.29 18.04 6.93
CA ASN B 13 -9.66 16.69 7.30
C ASN B 13 -10.88 16.71 8.22
N PHE B 14 -11.70 15.67 8.12
CA PHE B 14 -12.80 15.47 9.06
C PHE B 14 -12.42 14.37 10.04
N TYR B 15 -12.90 14.47 11.29
CA TYR B 15 -12.53 13.55 12.36
C TYR B 15 -13.76 13.05 13.08
N TYR B 16 -13.75 11.78 13.45
CA TYR B 16 -14.87 11.19 14.18
C TYR B 16 -14.37 10.67 15.51
N PHE B 17 -14.88 11.24 16.60
CA PHE B 17 -14.53 10.76 17.93
C PHE B 17 -15.63 9.78 18.37
N SER B 18 -15.28 8.51 18.56
CA SER B 18 -16.32 7.52 18.79
C SER B 18 -16.95 7.64 20.17
N LEU B 19 -18.14 7.07 20.31
CA LEU B 19 -18.86 7.04 21.57
C LEU B 19 -18.81 5.64 22.18
N ILE B 20 -18.50 4.66 21.34
CA ILE B 20 -18.46 3.25 21.74
C ILE B 20 -16.99 2.82 21.68
N PRO B 21 -16.54 2.04 22.66
CA PRO B 21 -15.16 1.54 22.65
C PRO B 21 -15.01 0.28 21.79
N LYS B 22 -13.82 0.06 21.25
CA LYS B 22 -13.55 -1.09 20.40
C LYS B 22 -12.08 -1.42 20.50
N THR B 23 -11.72 -2.66 20.16
CA THR B 23 -10.31 -3.02 20.03
C THR B 23 -9.76 -2.18 18.88
N TRP B 24 -8.45 -2.06 18.79
CA TRP B 24 -7.82 -1.26 17.76
C TRP B 24 -8.29 -1.68 16.37
N TYR B 25 -8.26 -2.99 16.11
CA TYR B 25 -8.58 -3.44 14.75
C TYR B 25 -10.06 -3.32 14.43
N SER B 26 -10.93 -3.62 15.40
CA SER B 26 -12.35 -3.40 15.19
C SER B 26 -12.66 -1.91 15.00
N ALA B 27 -11.90 -1.06 15.67
CA ALA B 27 -12.02 0.38 15.49
C ALA B 27 -11.60 0.76 14.07
N GLU B 28 -10.45 0.25 13.64
CA GLU B 28 -9.99 0.50 12.27
C GLU B 28 -11.00 0.02 11.22
N GLN B 29 -11.60 -1.14 11.43
CA GLN B 29 -12.61 -1.62 10.48
C GLN B 29 -13.82 -0.72 10.44
N PHE B 30 -14.19 -0.17 11.59
CA PHE B 30 -15.30 0.78 11.66
C PHE B 30 -14.97 2.01 10.81
N CYS B 31 -13.78 2.58 11.00
CA CYS B 31 -13.36 3.76 10.24
C CYS B 31 -13.40 3.48 8.74
N VAL B 32 -12.90 2.31 8.36
CA VAL B 32 -12.81 1.96 6.94
C VAL B 32 -14.21 1.84 6.33
N SER B 33 -15.16 1.35 7.12
CA SER B 33 -16.54 1.25 6.67
C SER B 33 -17.17 2.64 6.51
N ARG B 34 -16.53 3.65 7.10
CA ARG B 34 -16.98 5.02 6.96
C ARG B 34 -16.02 5.84 6.06
N ASN B 35 -15.29 5.14 5.18
CA ASN B 35 -14.40 5.78 4.22
C ASN B 35 -13.30 6.60 4.92
N SER B 36 -12.78 6.06 6.01
CA SER B 36 -11.74 6.73 6.78
C SER B 36 -10.75 5.73 7.37
N HIS B 37 -9.85 6.22 8.23
CA HIS B 37 -8.86 5.36 8.90
C HIS B 37 -8.68 5.94 10.30
N LEU B 38 -8.22 5.13 11.24
CA LEU B 38 -7.76 5.68 12.52
C LEU B 38 -6.75 6.79 12.24
N THR B 39 -6.87 7.89 12.98
CA THR B 39 -6.20 9.12 12.60
C THR B 39 -4.68 9.04 12.65
N SER B 40 -4.03 9.63 11.65
CA SER B 40 -2.61 9.95 11.76
C SER B 40 -2.46 11.32 12.42
N VAL B 41 -1.26 11.65 12.87
CA VAL B 41 -0.98 12.95 13.46
C VAL B 41 0.31 13.49 12.87
N THR B 42 0.25 14.63 12.18
CA THR B 42 1.41 15.07 11.40
C THR B 42 1.88 16.49 11.69
N SER B 43 1.31 17.12 12.71
CA SER B 43 1.78 18.45 13.10
C SER B 43 1.41 18.73 14.55
N GLU B 44 2.07 19.72 15.12
CA GLU B 44 1.76 20.11 16.49
C GLU B 44 0.31 20.60 16.59
N SER B 45 -0.14 21.37 15.63
CA SER B 45 -1.50 21.90 15.68
CA SER B 45 -1.51 21.89 15.64
C SER B 45 -2.55 20.79 15.63
N GLU B 46 -2.26 19.72 14.90
CA GLU B 46 -3.20 18.60 14.81
C GLU B 46 -3.19 17.82 16.12
N GLN B 47 -2.00 17.59 16.66
CA GLN B 47 -1.87 16.94 17.96
C GLN B 47 -2.68 17.72 19.00
N GLU B 48 -2.54 19.05 18.99
CA GLU B 48 -3.29 19.91 19.92
C GLU B 48 -4.80 19.78 19.73
N PHE B 49 -5.25 19.87 18.47
CA PHE B 49 -6.67 19.71 18.17
C PHE B 49 -7.20 18.38 18.73
N LEU B 50 -6.43 17.32 18.56
CA LEU B 50 -6.89 15.99 18.98
C LEU B 50 -6.93 15.79 20.49
N TYR B 51 -5.86 16.14 21.19
CA TYR B 51 -5.85 15.90 22.63
C TYR B 51 -6.84 16.81 23.34
N LYS B 52 -6.94 18.05 22.88
CA LYS B 52 -7.90 18.98 23.47
C LYS B 52 -9.32 18.50 23.26
N THR B 53 -9.61 18.03 22.05
CA THR B 53 -10.95 17.49 21.77
C THR B 53 -11.20 16.19 22.55
N ALA B 54 -10.15 15.38 22.74
CA ALA B 54 -10.27 14.13 23.51
C ALA B 54 -10.67 14.36 24.99
N GLY B 55 -10.29 15.50 25.54
CA GLY B 55 -10.79 15.92 26.84
C GLY B 55 -10.43 14.97 27.97
N GLY B 56 -9.27 14.34 27.86
CA GLY B 56 -8.72 13.53 28.93
C GLY B 56 -9.13 12.08 28.93
N LEU B 57 -9.88 11.67 27.90
CA LEU B 57 -10.24 10.27 27.71
C LEU B 57 -9.28 9.62 26.70
N ILE B 58 -9.16 8.29 26.77
CA ILE B 58 -8.22 7.57 25.93
C ILE B 58 -8.88 7.17 24.61
N TYR B 59 -8.23 7.53 23.49
CA TYR B 59 -8.74 7.20 22.16
C TYR B 59 -7.68 6.47 21.34
N TRP B 60 -8.02 5.32 20.78
CA TRP B 60 -7.12 4.70 19.80
C TRP B 60 -6.86 5.67 18.65
N ILE B 61 -5.62 5.76 18.19
CA ILE B 61 -5.31 6.44 16.93
C ILE B 61 -4.61 5.46 15.96
N GLY B 62 -4.17 5.94 14.80
CA GLY B 62 -3.69 5.06 13.73
C GLY B 62 -2.29 4.47 13.91
N LEU B 63 -1.76 4.58 15.12
CA LEU B 63 -0.42 4.09 15.45
C LEU B 63 -0.39 2.58 15.55
N THR B 64 0.46 1.95 14.75
CA THR B 64 0.62 0.50 14.83
C THR B 64 1.98 0.07 14.30
N LYS B 65 2.47 -1.08 14.74
CA LYS B 65 3.79 -1.53 14.30
C LYS B 65 3.75 -2.16 12.89
N ALA B 66 4.84 -1.96 12.16
CA ALA B 66 5.00 -2.57 10.84
C ALA B 66 6.47 -2.92 10.63
N GLY B 67 6.72 -3.93 9.80
CA GLY B 67 8.08 -4.39 9.57
C GLY B 67 8.66 -5.18 10.73
N MET B 68 9.67 -5.99 10.44
CA MET B 68 10.26 -6.87 11.45
C MET B 68 10.96 -6.10 12.58
N GLU B 69 11.38 -4.87 12.28
CA GLU B 69 12.08 -4.05 13.27
C GLU B 69 11.15 -3.42 14.31
N GLY B 70 9.85 -3.50 14.06
CA GLY B 70 8.86 -3.02 15.00
C GLY B 70 8.74 -1.50 15.03
N ASP B 71 9.07 -0.88 13.90
CA ASP B 71 8.95 0.57 13.79
C ASP B 71 7.48 0.98 13.74
N TRP B 72 7.18 2.14 14.29
CA TRP B 72 5.80 2.58 14.33
C TRP B 72 5.39 3.09 12.96
N SER B 73 4.10 2.99 12.65
CA SER B 73 3.62 3.41 11.34
C SER B 73 2.21 3.93 11.49
N TRP B 74 1.68 4.54 10.42
CA TRP B 74 0.31 5.03 10.41
C TRP B 74 -0.54 4.12 9.53
N VAL B 75 -1.67 3.67 10.05
CA VAL B 75 -2.52 2.78 9.28
C VAL B 75 -3.10 3.47 8.03
N ASP B 76 -3.19 4.80 8.04
CA ASP B 76 -3.64 5.49 6.82
C ASP B 76 -2.53 5.64 5.76
N ASP B 77 -1.38 5.02 6.03
CA ASP B 77 -0.22 4.97 5.13
C ASP B 77 0.58 6.28 5.01
N THR B 78 0.22 7.29 5.80
CA THR B 78 1.08 8.44 5.96
C THR B 78 2.45 7.94 6.43
N PRO B 79 3.53 8.32 5.73
CA PRO B 79 4.87 7.94 6.18
C PRO B 79 5.12 8.41 7.63
N PHE B 80 5.65 7.54 8.48
CA PHE B 80 5.84 7.91 9.89
C PHE B 80 7.14 8.68 10.05
N ASN B 81 7.03 9.91 10.54
CA ASN B 81 8.21 10.72 10.77
C ASN B 81 8.66 10.51 12.21
N LYS B 82 9.64 9.64 12.40
CA LYS B 82 10.07 9.31 13.75
C LYS B 82 10.67 10.51 14.48
N VAL B 83 11.44 11.35 13.77
CA VAL B 83 12.06 12.52 14.40
C VAL B 83 10.99 13.48 14.94
N GLN B 84 10.07 13.87 14.08
CA GLN B 84 9.05 14.86 14.41
C GLN B 84 7.98 14.33 15.36
N SER B 85 7.88 13.01 15.47
CA SER B 85 6.86 12.41 16.32
C SER B 85 7.36 12.13 17.73
N ALA B 86 8.67 12.22 17.94
CA ALA B 86 9.24 11.91 19.26
C ALA B 86 8.60 12.76 20.36
N ARG B 87 8.35 14.02 20.04
CA ARG B 87 7.76 14.97 20.98
C ARG B 87 6.31 14.63 21.37
N PHE B 88 5.69 13.69 20.67
CA PHE B 88 4.26 13.38 20.88
C PHE B 88 3.97 12.21 21.80
N TRP B 89 4.99 11.44 22.20
CA TRP B 89 4.79 10.33 23.13
C TRP B 89 4.87 10.89 24.56
N ILE B 90 4.08 10.33 25.44
CA ILE B 90 4.28 10.49 26.88
C ILE B 90 5.71 10.02 27.18
N PRO B 91 6.48 10.82 27.94
CA PRO B 91 7.83 10.44 28.37
C PRO B 91 7.87 9.02 28.88
N GLY B 92 8.80 8.21 28.37
CA GLY B 92 8.87 6.81 28.75
C GLY B 92 8.18 5.88 27.75
N GLU B 93 7.36 6.45 26.88
CA GLU B 93 6.67 5.64 25.88
C GLU B 93 7.31 5.87 24.51
N PRO B 94 7.21 4.88 23.61
CA PRO B 94 6.55 3.58 23.75
C PRO B 94 7.42 2.63 24.56
N ASN B 95 6.82 1.83 25.43
CA ASN B 95 7.60 1.00 26.35
C ASN B 95 7.33 -0.50 26.22
N ASP B 96 6.47 -0.87 25.27
CA ASP B 96 6.15 -2.27 24.97
C ASP B 96 5.97 -3.13 26.23
N ALA B 97 5.12 -2.65 27.15
CA ALA B 97 4.91 -3.35 28.42
C ALA B 97 4.47 -4.78 28.20
N GLY B 98 5.19 -5.71 28.81
CA GLY B 98 4.87 -7.13 28.68
C GLY B 98 5.13 -7.64 27.28
N ASN B 99 5.93 -6.89 26.54
CA ASN B 99 6.19 -7.15 25.12
C ASN B 99 4.91 -7.41 24.33
N ASN B 100 3.85 -6.67 24.66
CA ASN B 100 2.55 -6.93 24.05
C ASN B 100 1.77 -5.65 23.74
N GLU B 101 2.49 -4.57 23.45
CA GLU B 101 1.84 -3.28 23.16
C GLU B 101 2.16 -2.78 21.75
N HIS B 102 1.31 -3.15 20.79
CA HIS B 102 1.68 -2.99 19.38
C HIS B 102 0.82 -1.95 18.66
N CYS B 103 0.02 -1.22 19.44
CA CYS B 103 -0.86 -0.17 18.90
C CYS B 103 -0.76 1.04 19.81
N GLY B 104 -1.18 2.20 19.33
CA GLY B 104 -0.99 3.44 20.04
C GLY B 104 -2.27 4.24 20.19
N ASN B 105 -2.39 4.94 21.30
CA ASN B 105 -3.54 5.78 21.57
C ASN B 105 -3.13 7.15 22.11
N ILE B 106 -4.07 8.10 22.06
CA ILE B 106 -3.91 9.37 22.74
C ILE B 106 -4.40 9.15 24.16
N LYS B 107 -3.54 9.41 25.12
CA LYS B 107 -3.82 9.10 26.52
C LYS B 107 -3.78 10.36 27.39
N ALA B 108 -2.64 11.04 27.41
CA ALA B 108 -2.50 12.25 28.24
C ALA B 108 -2.94 13.50 27.52
N PRO B 109 -3.70 14.37 28.20
CA PRO B 109 -4.08 15.67 27.64
C PRO B 109 -2.92 16.66 27.66
N SER B 110 -2.03 16.51 26.69
CA SER B 110 -0.79 17.25 26.61
C SER B 110 -0.25 17.02 25.21
N LEU B 111 0.67 17.85 24.74
CA LEU B 111 1.35 17.57 23.48
C LEU B 111 2.06 16.21 23.56
N GLN B 112 2.60 15.90 24.75
CA GLN B 112 3.17 14.58 24.99
C GLN B 112 2.05 13.65 25.44
N ALA B 113 1.39 13.02 24.47
CA ALA B 113 0.09 12.38 24.70
C ALA B 113 0.03 10.88 24.46
N TRP B 114 0.88 10.36 23.57
CA TRP B 114 0.67 9.00 23.11
C TRP B 114 1.20 7.92 24.05
N ASN B 115 0.47 6.82 24.11
CA ASN B 115 0.94 5.61 24.77
C ASN B 115 0.76 4.40 23.87
N ASP B 116 1.71 3.46 23.90
CA ASP B 116 1.49 2.19 23.26
C ASP B 116 0.75 1.26 24.23
N ALA B 117 -0.23 0.52 23.72
CA ALA B 117 -1.04 -0.36 24.55
C ALA B 117 -1.43 -1.61 23.77
N PRO B 118 -1.84 -2.68 24.46
CA PRO B 118 -2.25 -3.92 23.79
C PRO B 118 -3.43 -3.72 22.86
N CYS B 119 -3.30 -4.22 21.63
CA CYS B 119 -4.28 -3.98 20.59
C CYS B 119 -5.66 -4.53 20.93
N ASP B 120 -5.73 -5.51 21.83
CA ASP B 120 -7.01 -6.12 22.16
C ASP B 120 -7.79 -5.38 23.26
N ILE B 121 -7.21 -4.34 23.85
CA ILE B 121 -7.95 -3.51 24.81
C ILE B 121 -9.00 -2.68 24.08
N THR B 122 -10.19 -2.53 24.67
CA THR B 122 -11.21 -1.68 24.04
C THR B 122 -11.15 -0.25 24.56
N PHE B 123 -10.96 0.69 23.64
CA PHE B 123 -10.96 2.12 23.94
C PHE B 123 -11.85 2.82 22.92
N LEU B 124 -12.29 4.03 23.26
CA LEU B 124 -12.83 4.94 22.25
C LEU B 124 -11.76 5.14 21.17
N PHE B 125 -12.15 5.73 20.05
CA PHE B 125 -11.22 5.85 18.93
C PHE B 125 -11.56 7.05 18.04
N ILE B 126 -10.56 7.51 17.28
CA ILE B 126 -10.71 8.66 16.40
C ILE B 126 -10.42 8.28 14.95
N CYS B 127 -11.41 8.42 14.07
CA CYS B 127 -11.25 8.26 12.63
C CYS B 127 -10.91 9.59 11.96
N LYS B 128 -10.22 9.54 10.82
CA LYS B 128 -9.84 10.76 10.10
C LYS B 128 -10.06 10.51 8.62
N ARG B 129 -10.59 11.50 7.91
CA ARG B 129 -10.68 11.37 6.45
C ARG B 129 -10.55 12.73 5.80
N PRO B 130 -9.78 12.80 4.70
CA PRO B 130 -9.58 14.11 4.08
C PRO B 130 -10.85 14.54 3.37
N TYR B 131 -11.09 15.84 3.32
CA TYR B 131 -12.14 16.35 2.45
C TYR B 131 -11.70 16.14 1.01
N VAL B 132 -12.55 15.49 0.23
CA VAL B 132 -12.31 15.27 -1.18
C VAL B 132 -13.49 15.83 -1.98
N PRO B 133 -13.27 16.91 -2.74
CA PRO B 133 -14.33 17.51 -3.55
C PRO B 133 -14.86 16.55 -4.61
N SER C 4 26.12 8.32 0.16
CA SER C 4 26.12 9.27 -0.96
C SER C 4 25.97 10.70 -0.48
N GLN C 5 26.76 11.58 -1.07
CA GLN C 5 26.59 13.00 -0.83
C GLN C 5 25.32 13.42 -1.57
N GLY C 6 24.87 14.64 -1.34
CA GLY C 6 23.73 15.15 -2.09
C GLY C 6 22.42 15.10 -1.32
N TRP C 7 22.42 14.41 -0.17
CA TRP C 7 21.22 14.35 0.64
C TRP C 7 21.15 15.49 1.68
N LYS C 8 20.14 16.35 1.54
CA LYS C 8 19.99 17.53 2.40
C LYS C 8 18.91 17.28 3.46
N TYR C 9 19.19 17.70 4.69
CA TYR C 9 18.32 17.36 5.82
C TYR C 9 17.31 18.45 6.16
N PHE C 10 16.06 18.05 6.35
CA PHE C 10 15.02 18.99 6.78
C PHE C 10 13.92 18.25 7.55
N LYS C 11 13.77 18.57 8.83
CA LYS C 11 12.67 18.06 9.66
C LYS C 11 12.39 16.55 9.55
N GLY C 12 13.44 15.75 9.76
CA GLY C 12 13.25 14.31 9.89
C GLY C 12 13.34 13.52 8.59
N ASN C 13 13.57 14.24 7.48
CA ASN C 13 13.77 13.62 6.17
C ASN C 13 15.01 14.15 5.47
N PHE C 14 15.60 13.31 4.63
CA PHE C 14 16.66 13.71 3.72
C PHE C 14 16.06 13.84 2.32
N TYR C 15 16.55 14.83 1.59
CA TYR C 15 16.05 15.13 0.24
C TYR C 15 17.21 15.15 -0.74
N TYR C 16 16.99 14.56 -1.91
CA TYR C 16 18.01 14.45 -2.95
C TYR C 16 17.55 15.22 -4.18
N PHE C 17 18.25 16.30 -4.52
CA PHE C 17 17.91 17.07 -5.71
C PHE C 17 18.79 16.54 -6.85
N SER C 18 18.19 15.89 -7.84
CA SER C 18 18.98 15.14 -8.80
C SER C 18 19.83 16.04 -9.71
N LEU C 19 20.88 15.45 -10.27
CA LEU C 19 21.76 16.13 -11.23
C LEU C 19 21.39 15.77 -12.66
N ILE C 20 20.67 14.66 -12.82
CA ILE C 20 20.30 14.13 -14.12
C ILE C 20 18.77 14.10 -14.29
N PRO C 21 18.26 14.56 -15.44
CA PRO C 21 16.80 14.57 -15.63
C PRO C 21 16.23 13.21 -16.05
N LYS C 22 15.02 12.91 -15.59
CA LYS C 22 14.32 11.67 -15.94
C LYS C 22 12.84 11.93 -16.10
N THR C 23 12.12 10.98 -16.68
CA THR C 23 10.67 11.05 -16.73
C THR C 23 10.19 10.84 -15.30
N TRP C 24 8.93 11.16 -15.02
CA TRP C 24 8.41 11.04 -13.66
C TRP C 24 8.62 9.64 -13.11
N TYR C 25 8.20 8.62 -13.86
CA TYR C 25 8.30 7.27 -13.30
C TYR C 25 9.74 6.76 -13.20
N SER C 26 10.59 7.09 -14.19
CA SER C 26 11.99 6.70 -14.09
C SER C 26 12.65 7.39 -12.91
N ALA C 27 12.23 8.62 -12.65
CA ALA C 27 12.68 9.34 -11.45
C ALA C 27 12.25 8.60 -10.18
N GLU C 28 10.99 8.17 -10.12
CA GLU C 28 10.51 7.40 -8.97
C GLU C 28 11.29 6.12 -8.79
N GLN C 29 11.60 5.45 -9.89
CA GLN C 29 12.38 4.23 -9.84
C GLN C 29 13.77 4.47 -9.25
N PHE C 30 14.39 5.58 -9.65
CA PHE C 30 15.68 5.95 -9.09
C PHE C 30 15.56 6.18 -7.57
N CYS C 31 14.53 6.93 -7.16
CA CYS C 31 14.28 7.13 -5.73
C CYS C 31 14.10 5.80 -5.01
N VAL C 32 13.27 4.92 -5.56
CA VAL C 32 13.07 3.60 -4.97
C VAL C 32 14.40 2.84 -4.82
N SER C 33 15.26 2.92 -5.84
CA SER C 33 16.59 2.27 -5.78
C SER C 33 17.46 2.85 -4.66
N ARG C 34 17.13 4.05 -4.20
CA ARG C 34 17.86 4.66 -3.10
CA ARG C 34 17.85 4.70 -3.11
C ARG C 34 17.02 4.69 -1.82
N ASN C 35 16.15 3.70 -1.67
CA ASN C 35 15.31 3.59 -0.48
C ASN C 35 14.51 4.86 -0.20
N SER C 36 13.94 5.46 -1.23
CA SER C 36 13.19 6.70 -1.06
C SER C 36 12.03 6.73 -2.04
N HIS C 37 11.35 7.87 -2.09
CA HIS C 37 10.29 8.13 -3.06
C HIS C 37 10.39 9.57 -3.54
N LEU C 38 9.79 9.88 -4.68
CA LEU C 38 9.60 11.28 -5.07
C LEU C 38 8.90 11.97 -3.92
N THR C 39 9.36 13.18 -3.59
CA THR C 39 8.92 13.83 -2.37
C THR C 39 7.45 14.21 -2.35
N SER C 40 6.82 14.02 -1.19
CA SER C 40 5.52 14.63 -0.93
C SER C 40 5.78 16.02 -0.34
N VAL C 41 4.73 16.82 -0.22
CA VAL C 41 4.83 18.14 0.36
C VAL C 41 3.64 18.34 1.26
N THR C 42 3.87 18.49 2.56
CA THR C 42 2.75 18.45 3.50
C THR C 42 2.70 19.62 4.50
N SER C 43 3.50 20.64 4.24
CA SER C 43 3.47 21.86 5.04
C SER C 43 4.08 23.03 4.29
N GLU C 44 3.69 24.24 4.67
CA GLU C 44 4.29 25.44 4.10
C GLU C 44 5.82 25.44 4.25
N SER C 45 6.31 25.02 5.42
CA SER C 45 7.75 25.04 5.65
CA SER C 45 7.74 25.01 5.68
C SER C 45 8.48 24.06 4.72
N GLU C 46 7.89 22.91 4.47
CA GLU C 46 8.50 21.95 3.56
C GLU C 46 8.52 22.49 2.12
N GLN C 47 7.41 23.10 1.70
CA GLN C 47 7.31 23.66 0.36
C GLN C 47 8.30 24.80 0.20
N GLU C 48 8.44 25.62 1.24
CA GLU C 48 9.43 26.69 1.23
C GLU C 48 10.85 26.12 1.10
N PHE C 49 11.16 25.10 1.89
CA PHE C 49 12.46 24.46 1.82
C PHE C 49 12.74 23.95 0.41
N LEU C 50 11.72 23.33 -0.20
CA LEU C 50 11.92 22.73 -1.53
C LEU C 50 12.08 23.77 -2.64
N TYR C 51 11.22 24.79 -2.67
CA TYR C 51 11.33 25.74 -3.78
C TYR C 51 12.57 26.61 -3.69
N LYS C 52 12.98 26.91 -2.46
CA LYS C 52 14.19 27.72 -2.27
C LYS C 52 15.42 26.92 -2.65
N THR C 53 15.46 25.64 -2.29
CA THR C 53 16.57 24.81 -2.68
C THR C 53 16.61 24.55 -4.19
N ALA C 54 15.43 24.51 -4.81
CA ALA C 54 15.33 24.23 -6.24
C ALA C 54 15.96 25.34 -7.07
N GLY C 55 15.91 26.56 -6.54
CA GLY C 55 16.56 27.70 -7.19
C GLY C 55 16.07 27.95 -8.59
N GLY C 56 14.76 27.86 -8.78
CA GLY C 56 14.15 28.18 -10.06
C GLY C 56 14.23 27.14 -11.15
N LEU C 57 14.89 26.02 -10.88
CA LEU C 57 14.89 24.91 -11.83
C LEU C 57 13.69 23.99 -11.56
N ILE C 58 13.27 23.26 -12.59
CA ILE C 58 12.10 22.40 -12.50
C ILE C 58 12.45 21.00 -12.00
N TYR C 59 11.75 20.56 -10.95
CA TYR C 59 11.97 19.26 -10.33
C TYR C 59 10.67 18.46 -10.19
N TRP C 60 10.63 17.25 -10.73
CA TRP C 60 9.50 16.38 -10.48
C TRP C 60 9.36 16.14 -8.97
N ILE C 61 8.14 16.18 -8.45
CA ILE C 61 7.87 15.71 -7.09
C ILE C 61 6.88 14.54 -7.15
N GLY C 62 6.48 14.00 -6.00
CA GLY C 62 5.69 12.78 -6.00
C GLY C 62 4.22 12.93 -6.36
N LEU C 63 3.86 14.06 -6.97
CA LEU C 63 2.47 14.38 -7.34
C LEU C 63 2.03 13.65 -8.59
N THR C 64 0.95 12.87 -8.49
CA THR C 64 0.47 12.19 -9.69
C THR C 64 -1.01 11.90 -9.59
N LYS C 65 -1.67 11.85 -10.74
CA LYS C 65 -3.09 11.50 -10.75
C LYS C 65 -3.28 10.02 -10.48
N ALA C 66 -4.34 9.71 -9.73
CA ALA C 66 -4.72 8.33 -9.46
C ALA C 66 -6.23 8.26 -9.18
N GLY C 67 -6.84 7.14 -9.53
CA GLY C 67 -8.27 6.94 -9.34
C GLY C 67 -9.07 7.27 -10.59
N MET C 68 -10.37 7.00 -10.54
CA MET C 68 -11.22 7.21 -11.70
C MET C 68 -11.57 8.68 -11.92
N GLU C 69 -11.51 9.47 -10.85
CA GLU C 69 -11.83 10.89 -10.94
C GLU C 69 -10.61 11.72 -11.36
N GLY C 70 -9.46 11.07 -11.44
CA GLY C 70 -8.23 11.77 -11.77
C GLY C 70 -7.75 12.66 -10.64
N ASP C 71 -8.04 12.26 -9.40
CA ASP C 71 -7.61 13.04 -8.25
C ASP C 71 -6.09 12.98 -8.07
N TRP C 72 -5.50 14.09 -7.65
CA TRP C 72 -4.08 14.12 -7.36
C TRP C 72 -3.78 13.28 -6.12
N SER C 73 -2.60 12.67 -6.10
CA SER C 73 -2.17 11.79 -5.02
C SER C 73 -0.66 11.91 -4.88
N TRP C 74 -0.12 11.31 -3.82
CA TRP C 74 1.32 11.29 -3.56
C TRP C 74 1.82 9.86 -3.73
N VAL C 75 2.88 9.69 -4.50
CA VAL C 75 3.42 8.34 -4.74
C VAL C 75 3.89 7.67 -3.45
N ASP C 76 4.32 8.46 -2.47
CA ASP C 76 4.73 7.89 -1.18
C ASP C 76 3.55 7.46 -0.26
N ASP C 77 2.33 7.62 -0.77
CA ASP C 77 1.08 7.18 -0.10
C ASP C 77 0.55 8.10 1.02
N THR C 78 1.20 9.24 1.22
CA THR C 78 0.60 10.29 2.06
C THR C 78 -0.77 10.61 1.48
N PRO C 79 -1.82 10.54 2.29
CA PRO C 79 -3.14 10.95 1.79
C PRO C 79 -3.13 12.39 1.31
N PHE C 80 -3.71 12.64 0.15
CA PHE C 80 -3.66 13.96 -0.44
C PHE C 80 -4.68 14.88 0.24
N ASN C 81 -4.21 16.04 0.67
CA ASN C 81 -5.05 17.01 1.34
C ASN C 81 -5.26 18.13 0.36
N LYS C 82 -6.38 18.12 -0.35
CA LYS C 82 -6.62 19.14 -1.38
C LYS C 82 -6.72 20.53 -0.78
N VAL C 83 -7.32 20.62 0.40
CA VAL C 83 -7.50 21.91 1.06
C VAL C 83 -6.18 22.61 1.32
N GLN C 84 -5.24 21.88 1.90
CA GLN C 84 -3.95 22.45 2.27
C GLN C 84 -2.98 22.56 1.09
N SER C 85 -3.27 21.86 0.01
CA SER C 85 -2.37 21.83 -1.14
C SER C 85 -2.69 22.90 -2.20
N ALA C 86 -3.88 23.48 -2.12
CA ALA C 86 -4.35 24.43 -3.12
C ALA C 86 -3.42 25.62 -3.23
N ARG C 87 -2.90 26.06 -2.09
CA ARG C 87 -1.97 27.17 -1.99
C ARG C 87 -0.62 26.91 -2.66
N PHE C 88 -0.34 25.68 -3.10
CA PHE C 88 0.99 25.35 -3.61
C PHE C 88 1.10 25.32 -5.14
N TRP C 89 -0.04 25.36 -5.84
CA TRP C 89 -0.04 25.41 -7.31
C TRP C 89 0.25 26.84 -7.81
N ILE C 90 0.99 26.92 -8.91
CA ILE C 90 1.09 28.16 -9.69
C ILE C 90 -0.32 28.59 -10.08
N PRO C 91 -0.59 29.91 -10.06
CA PRO C 91 -1.90 30.38 -10.50
C PRO C 91 -2.20 29.88 -11.91
N GLY C 92 -3.39 29.32 -12.12
CA GLY C 92 -3.74 28.78 -13.42
C GLY C 92 -3.56 27.29 -13.52
N GLU C 93 -2.70 26.74 -12.65
CA GLU C 93 -2.42 25.31 -12.61
C GLU C 93 -3.23 24.61 -11.51
N PRO C 94 -3.54 23.31 -11.68
CA PRO C 94 -3.20 22.46 -12.83
C PRO C 94 -4.13 22.75 -14.00
N ASN C 95 -3.59 22.87 -15.20
CA ASN C 95 -4.43 23.24 -16.34
C ASN C 95 -4.68 22.07 -17.31
N ASP C 96 -3.97 20.97 -17.09
CA ASP C 96 -4.12 19.77 -17.92
C ASP C 96 -3.98 20.11 -19.41
N ALA C 97 -2.86 20.74 -19.77
CA ALA C 97 -2.62 21.12 -21.15
C ALA C 97 -2.63 19.89 -22.06
N GLY C 98 -3.47 19.93 -23.10
CA GLY C 98 -3.59 18.82 -24.03
C GLY C 98 -4.19 17.57 -23.43
N ASN C 99 -4.88 17.72 -22.30
CA ASN C 99 -5.46 16.59 -21.57
C ASN C 99 -4.47 15.46 -21.26
N ASN C 100 -3.19 15.81 -21.10
CA ASN C 100 -2.14 14.81 -20.93
C ASN C 100 -1.12 15.15 -19.82
N GLU C 101 -1.51 16.00 -18.87
CA GLU C 101 -0.59 16.42 -17.81
C GLU C 101 -1.01 15.80 -16.47
N HIS C 102 -0.49 14.60 -16.22
CA HIS C 102 -0.95 13.81 -15.09
C HIS C 102 0.10 13.61 -14.00
N CYS C 103 1.18 14.39 -14.05
CA CYS C 103 2.18 14.39 -13.00
C CYS C 103 2.52 15.84 -12.63
N GLY C 104 3.05 16.03 -11.43
CA GLY C 104 3.34 17.38 -10.97
C GLY C 104 4.80 17.64 -10.65
N ASN C 105 5.22 18.88 -10.87
CA ASN C 105 6.58 19.29 -10.53
C ASN C 105 6.59 20.63 -9.80
N ILE C 106 7.71 20.92 -9.14
CA ILE C 106 8.00 22.24 -8.61
C ILE C 106 8.65 23.03 -9.74
N LYS C 107 8.02 24.13 -10.12
CA LYS C 107 8.46 24.90 -11.27
C LYS C 107 8.82 26.35 -10.94
N ALA C 108 7.89 27.07 -10.30
CA ALA C 108 8.13 28.49 -10.00
C ALA C 108 8.80 28.73 -8.64
N PRO C 109 9.66 29.76 -8.55
CA PRO C 109 10.38 30.10 -7.31
C PRO C 109 9.50 30.88 -6.32
N SER C 110 8.45 30.22 -5.86
CA SER C 110 7.42 30.82 -5.03
C SER C 110 6.72 29.72 -4.24
N LEU C 111 6.02 30.08 -3.17
CA LEU C 111 5.19 29.09 -2.45
C LEU C 111 4.18 28.50 -3.42
N GLN C 112 3.72 29.34 -4.35
CA GLN C 112 2.88 28.85 -5.44
CA GLN C 112 2.88 28.85 -5.44
C GLN C 112 3.80 28.36 -6.53
N ALA C 113 4.19 27.09 -6.45
CA ALA C 113 5.25 26.57 -7.30
C ALA C 113 4.84 25.46 -8.25
N TRP C 114 3.75 24.75 -7.98
CA TRP C 114 3.52 23.49 -8.71
C TRP C 114 2.92 23.69 -10.11
N ASN C 115 3.38 22.85 -11.04
CA ASN C 115 2.78 22.76 -12.37
C ASN C 115 2.51 21.29 -12.69
N ASP C 116 1.37 21.04 -13.34
CA ASP C 116 1.14 19.71 -13.93
C ASP C 116 1.74 19.65 -15.33
N ALA C 117 2.40 18.54 -15.62
CA ALA C 117 3.08 18.34 -16.91
C ALA C 117 2.95 16.87 -17.28
N PRO C 118 3.20 16.53 -18.56
CA PRO C 118 3.08 15.12 -18.96
C PRO C 118 4.13 14.24 -18.30
N CYS C 119 3.73 13.06 -17.84
CA CYS C 119 4.63 12.21 -17.08
C CYS C 119 5.85 11.76 -17.87
N ASP C 120 5.72 11.72 -19.19
CA ASP C 120 6.79 11.18 -20.04
C ASP C 120 7.82 12.24 -20.47
N ILE C 121 7.75 13.43 -19.88
CA ILE C 121 8.75 14.49 -20.07
C ILE C 121 9.90 14.35 -19.06
N THR C 122 11.14 14.65 -19.46
CA THR C 122 12.27 14.54 -18.54
C THR C 122 12.57 15.86 -17.81
N PHE C 123 12.70 15.79 -16.49
CA PHE C 123 13.10 16.94 -15.66
C PHE C 123 13.99 16.36 -14.56
N LEU C 124 14.73 17.23 -13.89
CA LEU C 124 15.38 16.86 -12.65
C LEU C 124 14.27 16.48 -11.66
N PHE C 125 14.63 15.87 -10.54
CA PHE C 125 13.61 15.37 -9.60
C PHE C 125 14.12 15.39 -8.17
N ILE C 126 13.20 15.28 -7.21
CA ILE C 126 13.56 15.31 -5.78
C ILE C 126 13.07 14.07 -5.04
N CYS C 127 13.98 13.30 -4.47
CA CYS C 127 13.61 12.16 -3.64
C CYS C 127 13.58 12.59 -2.18
N LYS C 128 12.76 11.89 -1.40
CA LYS C 128 12.64 12.16 0.03
C LYS C 128 12.75 10.82 0.75
N ARG C 129 13.60 10.80 1.77
CA ARG C 129 13.92 9.58 2.51
CA ARG C 129 13.89 9.58 2.51
C ARG C 129 13.86 9.89 4.00
N PRO C 130 13.08 9.12 4.77
CA PRO C 130 13.01 9.41 6.20
C PRO C 130 14.30 9.07 6.93
N TYR C 131 14.62 9.85 7.96
CA TYR C 131 15.69 9.47 8.88
C TYR C 131 15.04 8.68 9.99
N VAL C 132 15.63 7.53 10.32
CA VAL C 132 15.08 6.69 11.36
C VAL C 132 16.11 6.48 12.48
N PRO C 133 16.04 7.33 13.53
CA PRO C 133 17.01 7.29 14.63
C PRO C 133 17.08 5.90 15.23
N GLN D 5 12.10 -20.53 14.22
CA GLN D 5 12.07 -21.86 13.62
C GLN D 5 10.67 -22.45 13.61
N GLY D 6 10.50 -23.57 12.92
CA GLY D 6 9.21 -24.21 12.78
C GLY D 6 8.45 -23.82 11.52
N TRP D 7 9.13 -23.16 10.59
CA TRP D 7 8.52 -22.80 9.31
C TRP D 7 8.50 -23.96 8.30
N LYS D 8 7.36 -24.15 7.63
CA LYS D 8 7.24 -25.21 6.63
C LYS D 8 7.27 -24.61 5.23
N TYR D 9 8.01 -25.24 4.33
CA TYR D 9 8.16 -24.73 2.97
C TYR D 9 7.14 -25.33 2.01
N PHE D 10 6.53 -24.48 1.20
CA PHE D 10 5.66 -24.95 0.12
C PHE D 10 5.64 -23.94 -1.01
N LYS D 11 6.14 -24.35 -2.18
CA LYS D 11 6.09 -23.54 -3.41
C LYS D 11 6.51 -22.08 -3.26
N GLY D 12 7.72 -21.85 -2.75
CA GLY D 12 8.29 -20.52 -2.73
C GLY D 12 7.88 -19.65 -1.57
N ASN D 13 7.20 -20.25 -0.60
CA ASN D 13 6.81 -19.56 0.63
C ASN D 13 7.08 -20.42 1.87
N PHE D 14 7.31 -19.77 3.01
CA PHE D 14 7.45 -20.45 4.29
C PHE D 14 6.19 -20.17 5.12
N TYR D 15 5.72 -21.17 5.85
CA TYR D 15 4.48 -21.06 6.60
C TYR D 15 4.70 -21.43 8.06
N TYR D 16 4.11 -20.64 8.95
CA TYR D 16 4.22 -20.86 10.39
C TYR D 16 2.86 -21.17 10.96
N PHE D 17 2.70 -22.38 11.49
CA PHE D 17 1.44 -22.76 12.11
C PHE D 17 1.59 -22.60 13.60
N SER D 18 0.84 -21.66 14.19
CA SER D 18 1.05 -21.30 15.58
C SER D 18 0.55 -22.37 16.53
N LEU D 19 1.15 -22.39 17.73
CA LEU D 19 0.73 -23.24 18.83
C LEU D 19 -0.12 -22.46 19.84
N ILE D 20 -0.16 -21.14 19.67
CA ILE D 20 -0.83 -20.23 20.60
C ILE D 20 -2.00 -19.53 19.91
N PRO D 21 -3.14 -19.38 20.61
CA PRO D 21 -4.25 -18.67 19.96
C PRO D 21 -4.19 -17.17 20.20
N LYS D 22 -4.64 -16.40 19.21
CA LYS D 22 -4.68 -14.95 19.32
C LYS D 22 -5.90 -14.42 18.58
N THR D 23 -6.24 -13.16 18.81
CA THR D 23 -7.26 -12.54 18.00
C THR D 23 -6.65 -12.36 16.61
N TRP D 24 -7.47 -12.06 15.61
CA TRP D 24 -7.00 -11.92 14.24
C TRP D 24 -5.88 -10.89 14.13
N TYR D 25 -6.11 -9.69 14.67
CA TYR D 25 -5.09 -8.65 14.55
C TYR D 25 -3.84 -8.90 15.39
N SER D 26 -4.00 -9.46 16.59
CA SER D 26 -2.81 -9.82 17.36
C SER D 26 -2.05 -10.93 16.64
N ALA D 27 -2.77 -11.80 15.93
CA ALA D 27 -2.09 -12.80 15.11
C ALA D 27 -1.28 -12.09 14.02
N GLU D 28 -1.91 -11.13 13.34
CA GLU D 28 -1.22 -10.41 12.28
C GLU D 28 0.01 -9.69 12.80
N GLN D 29 -0.11 -9.09 13.98
CA GLN D 29 1.03 -8.40 14.58
C GLN D 29 2.16 -9.37 14.85
N PHE D 30 1.82 -10.57 15.32
CA PHE D 30 2.85 -11.59 15.55
C PHE D 30 3.56 -11.92 14.24
N CYS D 31 2.78 -12.16 13.19
CA CYS D 31 3.37 -12.44 11.87
C CYS D 31 4.29 -11.30 11.42
N VAL D 32 3.83 -10.06 11.55
CA VAL D 32 4.64 -8.91 11.16
C VAL D 32 5.97 -8.90 11.93
N SER D 33 5.91 -9.25 13.21
CA SER D 33 7.13 -9.28 14.04
C SER D 33 8.10 -10.36 13.56
N ARG D 34 7.58 -11.33 12.81
CA ARG D 34 8.43 -12.36 12.21
C ARG D 34 8.58 -12.14 10.71
N ASN D 35 8.45 -10.88 10.28
CA ASN D 35 8.66 -10.54 8.87
C ASN D 35 7.72 -11.31 7.93
N SER D 36 6.46 -11.41 8.32
CA SER D 36 5.50 -12.18 7.55
C SER D 36 4.12 -11.57 7.68
N HIS D 37 3.13 -12.22 7.10
CA HIS D 37 1.74 -11.79 7.21
C HIS D 37 0.89 -13.04 7.42
N LEU D 38 -0.28 -12.88 8.04
CA LEU D 38 -1.28 -13.96 7.99
C LEU D 38 -1.44 -14.40 6.53
N THR D 39 -1.47 -15.71 6.30
CA THR D 39 -1.39 -16.24 4.93
C THR D 39 -2.56 -15.87 4.04
N SER D 40 -2.24 -15.57 2.78
CA SER D 40 -3.24 -15.56 1.75
C SER D 40 -3.34 -16.96 1.15
N VAL D 41 -4.36 -17.17 0.33
CA VAL D 41 -4.59 -18.47 -0.32
C VAL D 41 -5.07 -18.21 -1.74
N THR D 42 -4.24 -18.52 -2.72
CA THR D 42 -4.55 -18.14 -4.11
C THR D 42 -4.47 -19.26 -5.13
N SER D 43 -4.49 -20.51 -4.66
CA SER D 43 -4.55 -21.66 -5.56
C SER D 43 -5.12 -22.84 -4.81
N GLU D 44 -5.62 -23.82 -5.55
CA GLU D 44 -6.09 -25.04 -4.94
C GLU D 44 -4.97 -25.77 -4.19
N SER D 45 -3.76 -25.78 -4.74
CA SER D 45 -2.68 -26.54 -4.13
C SER D 45 -2.25 -25.93 -2.81
N GLU D 46 -2.29 -24.60 -2.73
CA GLU D 46 -1.97 -23.91 -1.48
C GLU D 46 -3.06 -24.19 -0.43
N GLN D 47 -4.32 -24.13 -0.85
CA GLN D 47 -5.43 -24.43 0.05
C GLN D 47 -5.31 -25.86 0.60
N GLU D 48 -4.97 -26.79 -0.28
CA GLU D 48 -4.78 -28.19 0.11
C GLU D 48 -3.64 -28.35 1.11
N PHE D 49 -2.49 -27.77 0.80
CA PHE D 49 -1.37 -27.76 1.74
C PHE D 49 -1.78 -27.23 3.12
N LEU D 50 -2.53 -26.14 3.13
CA LEU D 50 -2.87 -25.49 4.39
C LEU D 50 -3.89 -26.31 5.18
N TYR D 51 -4.98 -26.73 4.55
CA TYR D 51 -5.98 -27.49 5.31
C TYR D 51 -5.42 -28.84 5.75
N LYS D 52 -4.64 -29.51 4.89
CA LYS D 52 -4.05 -30.78 5.30
C LYS D 52 -3.12 -30.58 6.46
N THR D 53 -2.28 -29.54 6.40
CA THR D 53 -1.35 -29.28 7.47
C THR D 53 -2.07 -28.86 8.75
N ALA D 54 -3.19 -28.13 8.60
CA ALA D 54 -3.97 -27.68 9.74
C ALA D 54 -4.55 -28.86 10.53
N GLY D 55 -4.78 -29.97 9.84
CA GLY D 55 -5.20 -31.21 10.49
C GLY D 55 -6.49 -31.11 11.29
N GLY D 56 -7.41 -30.29 10.81
CA GLY D 56 -8.76 -30.24 11.36
C GLY D 56 -8.95 -29.25 12.48
N LEU D 57 -7.90 -28.51 12.81
CA LEU D 57 -7.97 -27.45 13.81
C LEU D 57 -8.17 -26.11 13.11
N ILE D 58 -8.68 -25.14 13.84
CA ILE D 58 -9.04 -23.85 13.26
C ILE D 58 -7.91 -22.82 13.35
N TYR D 59 -7.55 -22.25 12.20
CA TYR D 59 -6.45 -21.28 12.12
C TYR D 59 -6.88 -20.02 11.42
N TRP D 60 -6.66 -18.87 12.06
CA TRP D 60 -6.86 -17.59 11.37
C TRP D 60 -5.96 -17.56 10.13
N ILE D 61 -6.51 -17.06 9.02
CA ILE D 61 -5.69 -16.73 7.86
C ILE D 61 -5.87 -15.24 7.53
N GLY D 62 -5.26 -14.77 6.43
CA GLY D 62 -5.18 -13.34 6.16
C GLY D 62 -6.46 -12.68 5.66
N LEU D 63 -7.57 -13.39 5.79
CA LEU D 63 -8.86 -12.99 5.22
C LEU D 63 -9.51 -11.96 6.11
N THR D 64 -9.84 -10.79 5.58
CA THR D 64 -10.50 -9.78 6.40
C THR D 64 -11.30 -8.83 5.52
N LYS D 65 -12.39 -8.29 6.04
CA LYS D 65 -13.13 -7.30 5.28
C LYS D 65 -12.43 -5.94 5.24
N ALA D 66 -12.49 -5.27 4.10
CA ALA D 66 -11.96 -3.93 3.95
C ALA D 66 -12.72 -3.17 2.86
N GLY D 67 -12.70 -1.84 2.94
CA GLY D 67 -13.43 -1.00 2.01
C GLY D 67 -14.85 -0.67 2.45
N MET D 68 -15.50 0.20 1.70
CA MET D 68 -16.87 0.65 1.99
C MET D 68 -17.91 -0.48 2.02
N GLU D 69 -17.95 -1.29 0.96
CA GLU D 69 -18.95 -2.36 0.87
C GLU D 69 -18.63 -3.58 1.74
N GLY D 70 -17.46 -3.56 2.37
CA GLY D 70 -17.05 -4.68 3.20
C GLY D 70 -16.75 -5.91 2.35
N ASP D 71 -16.04 -5.71 1.25
CA ASP D 71 -15.62 -6.84 0.42
C ASP D 71 -14.47 -7.53 1.12
N TRP D 72 -14.32 -8.83 0.89
CA TRP D 72 -13.20 -9.55 1.49
C TRP D 72 -11.89 -9.13 0.84
N SER D 73 -10.82 -9.18 1.63
CA SER D 73 -9.49 -8.79 1.17
C SER D 73 -8.45 -9.66 1.88
N TRP D 74 -7.23 -9.64 1.36
CA TRP D 74 -6.09 -10.27 2.01
C TRP D 74 -5.20 -9.24 2.69
N VAL D 75 -4.82 -9.50 3.93
CA VAL D 75 -4.02 -8.53 4.68
C VAL D 75 -2.63 -8.32 4.07
N ASP D 76 -2.13 -9.31 3.31
CA ASP D 76 -0.85 -9.15 2.64
C ASP D 76 -0.94 -8.38 1.32
N ASP D 77 -2.14 -7.88 1.03
CA ASP D 77 -2.44 -7.04 -0.14
C ASP D 77 -2.57 -7.77 -1.46
N THR D 78 -2.52 -9.09 -1.43
CA THR D 78 -2.91 -9.86 -2.60
C THR D 78 -4.33 -9.45 -2.94
N PRO D 79 -4.58 -9.08 -4.20
CA PRO D 79 -5.94 -8.80 -4.65
C PRO D 79 -6.85 -10.00 -4.36
N PHE D 80 -8.01 -9.75 -3.77
CA PHE D 80 -8.93 -10.84 -3.48
C PHE D 80 -9.79 -11.17 -4.70
N ASN D 81 -9.80 -12.44 -5.07
CA ASN D 81 -10.52 -12.90 -6.25
C ASN D 81 -11.80 -13.56 -5.76
N LYS D 82 -12.90 -12.82 -5.78
CA LYS D 82 -14.14 -13.33 -5.18
C LYS D 82 -14.64 -14.56 -5.91
N VAL D 83 -14.58 -14.53 -7.24
CA VAL D 83 -15.08 -15.65 -8.03
C VAL D 83 -14.30 -16.91 -7.74
N GLN D 84 -12.98 -16.82 -7.89
CA GLN D 84 -12.10 -17.97 -7.72
C GLN D 84 -12.01 -18.47 -6.28
N SER D 85 -12.44 -17.64 -5.33
CA SER D 85 -12.38 -18.04 -3.93
C SER D 85 -13.69 -18.67 -3.45
N ALA D 86 -14.75 -18.55 -4.25
CA ALA D 86 -16.05 -19.05 -3.85
C ALA D 86 -15.99 -20.50 -3.41
N ARG D 87 -15.17 -21.31 -4.08
CA ARG D 87 -15.08 -22.74 -3.80
C ARG D 87 -14.25 -23.08 -2.56
N PHE D 88 -13.62 -22.07 -1.95
CA PHE D 88 -12.77 -22.32 -0.78
C PHE D 88 -13.53 -22.10 0.52
N TRP D 89 -14.73 -21.53 0.42
CA TRP D 89 -15.58 -21.34 1.58
C TRP D 89 -16.37 -22.62 1.87
N ILE D 90 -16.55 -22.92 3.14
CA ILE D 90 -17.57 -23.89 3.54
C ILE D 90 -18.92 -23.45 2.99
N PRO D 91 -19.69 -24.40 2.42
CA PRO D 91 -21.04 -24.12 1.92
C PRO D 91 -21.87 -23.29 2.90
N GLY D 92 -22.41 -22.17 2.44
CA GLY D 92 -23.20 -21.30 3.29
C GLY D 92 -22.38 -20.18 3.91
N GLU D 93 -21.05 -20.28 3.78
CA GLU D 93 -20.18 -19.21 4.24
C GLU D 93 -19.74 -18.39 3.04
N PRO D 94 -19.40 -17.11 3.25
CA PRO D 94 -19.47 -16.43 4.54
C PRO D 94 -20.90 -16.01 4.87
N ASN D 95 -21.35 -16.25 6.09
CA ASN D 95 -22.74 -15.97 6.41
C ASN D 95 -22.95 -14.71 7.27
N ASP D 96 -21.84 -14.09 7.69
CA ASP D 96 -21.88 -12.90 8.53
C ASP D 96 -22.85 -13.05 9.70
N ALA D 97 -22.65 -14.10 10.50
CA ALA D 97 -23.49 -14.34 11.66
C ALA D 97 -23.49 -13.12 12.57
N GLY D 98 -24.67 -12.75 13.07
CA GLY D 98 -24.81 -11.60 13.97
C GLY D 98 -24.26 -10.29 13.42
N ASN D 99 -24.18 -10.20 12.09
CA ASN D 99 -23.59 -9.05 11.40
C ASN D 99 -22.23 -8.61 11.96
N ASN D 100 -21.43 -9.58 12.42
CA ASN D 100 -20.21 -9.29 13.16
C ASN D 100 -19.02 -10.21 12.83
N GLU D 101 -19.07 -10.89 11.69
CA GLU D 101 -18.01 -11.82 11.33
C GLU D 101 -17.14 -11.25 10.24
N HIS D 102 -16.09 -10.54 10.62
CA HIS D 102 -15.36 -9.73 9.65
C HIS D 102 -13.93 -10.20 9.38
N CYS D 103 -13.57 -11.37 9.92
CA CYS D 103 -12.28 -12.00 9.59
C CYS D 103 -12.53 -13.45 9.24
N GLY D 104 -11.54 -14.09 8.63
CA GLY D 104 -11.76 -15.44 8.14
C GLY D 104 -10.68 -16.42 8.59
N ASN D 105 -11.06 -17.68 8.71
CA ASN D 105 -10.17 -18.73 9.20
C ASN D 105 -10.35 -20.01 8.40
N ILE D 106 -9.33 -20.88 8.46
CA ILE D 106 -9.46 -22.21 7.89
C ILE D 106 -10.08 -23.03 9.00
N LYS D 107 -11.24 -23.61 8.73
CA LYS D 107 -11.98 -24.31 9.76
C LYS D 107 -12.12 -25.81 9.44
N ALA D 108 -12.63 -26.13 8.26
CA ALA D 108 -12.90 -27.52 7.91
C ALA D 108 -11.72 -28.13 7.15
N PRO D 109 -11.39 -29.40 7.41
CA PRO D 109 -10.36 -30.07 6.61
C PRO D 109 -10.89 -30.55 5.27
N SER D 110 -11.00 -29.59 4.34
CA SER D 110 -11.57 -29.82 3.03
C SER D 110 -11.14 -28.64 2.17
N LEU D 111 -11.24 -28.78 0.84
CA LEU D 111 -11.00 -27.63 -0.03
C LEU D 111 -12.01 -26.53 0.32
N GLN D 112 -13.22 -26.95 0.69
N GLN D 112 -13.23 -26.95 0.69
CA GLN D 112 -14.22 -26.03 1.21
CA GLN D 112 -14.23 -26.03 1.19
C GLN D 112 -13.97 -25.86 2.68
C GLN D 112 -13.98 -25.85 2.69
N ALA D 113 -13.09 -24.92 3.03
CA ALA D 113 -12.56 -24.84 4.39
C ALA D 113 -12.85 -23.56 5.18
N TRP D 114 -13.06 -22.43 4.50
CA TRP D 114 -13.10 -21.16 5.22
C TRP D 114 -14.42 -20.88 5.91
N ASN D 115 -14.30 -20.22 7.05
CA ASN D 115 -15.44 -19.64 7.74
C ASN D 115 -15.13 -18.18 8.09
N ASP D 116 -16.13 -17.32 8.01
CA ASP D 116 -16.01 -15.98 8.56
C ASP D 116 -16.47 -16.01 10.02
N ALA D 117 -15.63 -15.42 10.87
CA ALA D 117 -15.80 -15.37 12.33
C ALA D 117 -15.48 -13.97 12.85
N PRO D 118 -15.86 -13.66 14.11
CA PRO D 118 -15.54 -12.32 14.65
C PRO D 118 -14.04 -12.10 14.92
N CYS D 119 -13.53 -10.93 14.51
CA CYS D 119 -12.10 -10.65 14.57
C CYS D 119 -11.50 -10.70 15.97
N ASP D 120 -12.36 -10.47 16.96
CA ASP D 120 -11.89 -10.36 18.34
C ASP D 120 -11.83 -11.72 19.08
N ILE D 121 -12.29 -12.77 18.42
CA ILE D 121 -12.21 -14.15 18.96
C ILE D 121 -10.79 -14.71 18.75
N THR D 122 -10.33 -15.57 19.65
CA THR D 122 -8.97 -16.14 19.51
C THR D 122 -8.97 -17.54 18.90
N PHE D 123 -8.05 -17.75 17.96
CA PHE D 123 -7.79 -19.07 17.38
C PHE D 123 -6.29 -19.17 17.12
N LEU D 124 -5.83 -20.38 16.80
CA LEU D 124 -4.49 -20.53 16.24
C LEU D 124 -4.45 -19.72 14.93
N PHE D 125 -3.27 -19.53 14.37
CA PHE D 125 -3.14 -18.74 13.15
C PHE D 125 -1.96 -19.20 12.29
N ILE D 126 -1.98 -18.87 11.01
CA ILE D 126 -0.93 -19.26 10.07
C ILE D 126 -0.30 -18.03 9.42
N CYS D 127 1.02 -17.88 9.56
CA CYS D 127 1.77 -16.81 8.86
C CYS D 127 2.44 -17.32 7.59
N LYS D 128 2.65 -16.42 6.64
CA LYS D 128 3.27 -16.76 5.37
C LYS D 128 4.35 -15.74 5.03
N ARG D 129 5.53 -16.21 4.69
CA ARG D 129 6.56 -15.30 4.20
C ARG D 129 7.28 -15.85 2.99
N PRO D 130 7.69 -14.98 2.07
CA PRO D 130 8.35 -15.46 0.86
C PRO D 130 9.71 -16.01 1.18
N TYR D 131 10.15 -17.03 0.44
CA TYR D 131 11.52 -17.47 0.52
C TYR D 131 12.38 -16.30 0.08
N VAL D 132 13.46 -16.04 0.82
CA VAL D 132 14.33 -14.93 0.50
C VAL D 132 15.74 -15.40 0.16
O6 2F8 E . 18.44 -10.14 -26.54
C6 2F8 E . 17.53 -9.84 -25.48
C5 2F8 E . 17.28 -8.35 -25.46
O5 2F8 E . 16.61 -7.97 -26.66
C1 2F8 E . 16.48 -6.55 -26.77
O1 2F8 E . 17.80 -6.02 -26.78
CM 2F8 E . 18.43 -6.13 -28.06
C2 2F8 E . 15.71 -5.99 -25.57
N2 2F8 E . 15.64 -4.54 -25.62
C7 2F8 E . 14.48 -3.89 -25.65
O7 2F8 E . 13.40 -4.45 -25.55
C8 2F8 E . 14.57 -2.40 -25.80
C3 2F8 E . 16.34 -6.40 -24.25
O3 2F8 E . 15.52 -6.00 -23.13
C4 2F8 E . 16.49 -7.90 -24.23
O4 2F8 E . 17.16 -8.21 -23.00
CA CA F . 15.80 -7.39 -21.02
O6 2F8 G . 2.99 3.67 33.46
C6 2F8 G . 2.74 3.71 32.04
C5 2F8 G . 1.94 2.49 31.63
O5 2F8 G . 0.62 2.60 32.19
C1 2F8 G . -0.18 1.44 31.95
O1 2F8 G . 0.46 0.33 32.58
CM 2F8 G . 0.43 0.43 34.01
C2 2F8 G . -0.33 1.14 30.45
N2 2F8 G . -1.02 -0.11 30.26
C7 2F8 G . -2.21 -0.22 29.67
O7 2F8 G . -2.80 0.74 29.19
C8 2F8 G . -2.78 -1.60 29.63
C3 2F8 G . 1.02 1.09 29.76
O3 2F8 G . 0.86 0.97 28.33
C4 2F8 G . 1.80 2.34 30.10
O4 2F8 G . 3.09 2.29 29.51
CA CA H . 2.89 1.66 27.04
O6 2F8 I . 1.89 28.50 -19.25
C6 2F8 I . 1.88 27.39 -18.34
C5 2F8 I . 2.21 26.13 -19.10
O5 2F8 I . 3.57 26.21 -19.54
C1 2F8 I . 4.06 25.08 -20.27
O1 2F8 I . 3.42 25.02 -21.54
CM 2F8 I . 3.76 26.13 -22.38
C2 2F8 I . 3.81 23.77 -19.51
N2 2F8 I . 4.15 22.63 -20.35
C7 2F8 I . 5.22 21.88 -20.09
O7 2F8 I . 5.93 22.05 -19.12
C8 2F8 I . 5.49 20.78 -21.09
C3 2F8 I . 2.37 23.66 -19.06
O3 2F8 I . 2.20 22.48 -18.26
C4 2F8 I . 1.99 24.89 -18.25
O4 2F8 I . 0.62 24.79 -17.89
CA CA J . 0.32 22.63 -16.62
O6 2F8 K . -22.87 -23.30 11.28
C6 2F8 K . -21.92 -22.39 10.71
C5 2F8 K . -21.51 -21.38 11.77
O5 2F8 K . -20.97 -22.12 12.88
C1 2F8 K . -20.31 -21.37 13.93
O1 2F8 K . -21.13 -21.11 15.07
CM 2F8 K . -22.42 -20.51 14.85
C2 2F8 K . -19.55 -20.10 13.49
N2 2F8 K . -19.39 -19.22 14.64
C7 2F8 K . -18.19 -19.09 15.21
O7 2F8 K . -17.18 -19.41 14.63
C8 2F8 K . -18.15 -18.52 16.59
C3 2F8 K . -20.17 -19.34 12.32
O3 2F8 K . -19.22 -18.34 11.87
C4 2F8 K . -20.54 -20.33 11.24
O4 2F8 K . -21.18 -19.65 10.15
CA CA L . -19.65 -17.76 9.54
MG MG M . -26.56 -9.50 7.67
#